data_3LIT
#
_entry.id   3LIT
#
_cell.length_a   78.282
_cell.length_b   78.282
_cell.length_c   163.321
_cell.angle_alpha   90.00
_cell.angle_beta   90.00
_cell.angle_gamma   120.00
#
_symmetry.space_group_name_H-M   'P 63 2 2'
#
loop_
_entity.id
_entity.type
_entity.pdbx_description
1 polymer Protease
2 non-polymer '(4R)-3-[(2S,3S)-3-[[(2S)-2-[[(2S)-2-azanyl-2-phenyl-ethanoyl]amino]-3,3-dimethyl-butanoyl]amino]-2-hydroxy-4-phenyl-but anoyl]-5,5-dimethyl-N-[(2R)-3-methylbutan-2-yl]-1,3-thiazolidine-4-carboxamide'
3 water water
#
_entity_poly.entity_id   1
_entity_poly.type   'polypeptide(L)'
_entity_poly.pdbx_seq_one_letter_code
;PVIPLDPARRPVIKAQVDTQTSHPKTIEALLDTGADMTVIPIALFSSNTPLKNTSVLGAGGQTQDHFKLTSLPVLIRLPF
RTTPIVLTSCLVDTKNNWAIIGRDALQQCQGVLYLP
;
_entity_poly.pdbx_strand_id   A,B
#
# COMPACT_ATOMS: atom_id res chain seq x y z
N PRO A 1 9.60 16.70 1.50
CA PRO A 1 10.82 16.04 2.19
C PRO A 1 11.09 14.77 1.38
N VAL A 2 12.32 14.27 1.48
CA VAL A 2 12.62 12.91 1.07
C VAL A 2 12.26 11.99 2.26
N ILE A 3 11.39 11.00 2.03
CA ILE A 3 10.95 10.07 3.09
C ILE A 3 11.57 8.67 2.88
N PRO A 4 12.50 8.28 3.76
CA PRO A 4 13.11 6.95 3.66
C PRO A 4 12.08 5.83 3.85
N LEU A 5 12.44 4.64 3.39
CA LEU A 5 11.53 3.50 3.45
C LEU A 5 12.18 2.36 4.20
N ASP A 6 11.48 1.87 5.23
CA ASP A 6 12.03 0.94 6.23
C ASP A 6 10.85 0.05 6.64
N PRO A 7 10.99 -1.29 6.49
CA PRO A 7 9.90 -2.22 6.88
C PRO A 7 9.40 -2.03 8.34
N ALA A 8 10.32 -1.63 9.22
CA ALA A 8 10.10 -1.51 10.65
C ALA A 8 9.44 -0.17 11.03
N ARG A 9 9.45 0.80 10.12
CA ARG A 9 8.90 2.11 10.43
C ARG A 9 7.94 2.58 9.35
N ARG A 10 6.66 2.65 9.69
CA ARG A 10 5.66 3.18 8.75
C ARG A 10 5.88 4.63 8.30
N PRO A 11 5.97 4.84 6.96
CA PRO A 11 6.09 6.19 6.37
C PRO A 11 4.83 7.03 6.67
N VAL A 12 4.94 7.97 7.61
CA VAL A 12 3.78 8.73 8.09
C VAL A 12 3.93 10.24 7.87
N ILE A 13 2.79 10.92 7.69
CA ILE A 13 2.73 12.40 7.63
C ILE A 13 1.57 12.95 8.51
N LYS A 14 1.74 14.14 9.08
CA LYS A 14 0.62 14.86 9.69
C LYS A 14 -0.12 15.60 8.60
N ALA A 15 -1.43 15.44 8.57
CA ALA A 15 -2.29 16.09 7.58
C ALA A 15 -3.48 16.70 8.28
N GLN A 16 -3.86 17.89 7.83
CA GLN A 16 -5.12 18.52 8.24
C GLN A 16 -6.23 18.20 7.25
N VAL A 17 -7.18 17.42 7.73
CA VAL A 17 -8.28 16.93 6.90
C VAL A 17 -9.56 17.73 7.18
N ASP A 18 -10.17 18.29 6.13
CA ASP A 18 -11.48 18.97 6.25
C ASP A 18 -12.51 18.20 5.39
N THR A 19 -13.43 17.52 6.10
CA THR A 19 -14.53 16.73 5.53
C THR A 19 -15.72 17.59 5.09
N GLN A 20 -15.67 18.88 5.42
CA GLN A 20 -16.73 19.84 5.15
C GLN A 20 -18.06 19.53 5.89
N THR A 21 -17.97 18.66 6.89
CA THR A 21 -19.12 18.29 7.73
C THR A 21 -18.88 18.64 9.21
N SER A 22 -17.63 18.94 9.57
CA SER A 22 -17.25 19.41 10.91
C SER A 22 -15.95 20.23 10.81
N HIS A 23 -15.31 20.49 11.95
CA HIS A 23 -14.08 21.30 12.01
C HIS A 23 -12.90 20.47 11.52
N PRO A 24 -11.99 21.08 10.72
CA PRO A 24 -10.78 20.36 10.26
C PRO A 24 -9.92 19.87 11.42
N LYS A 25 -9.40 18.65 11.31
CA LYS A 25 -8.52 18.09 12.33
C LYS A 25 -7.22 17.65 11.67
N THR A 26 -6.12 17.85 12.41
CA THR A 26 -4.81 17.31 12.05
C THR A 26 -4.70 15.85 12.56
N ILE A 27 -4.39 14.94 11.66
CA ILE A 27 -4.21 13.52 11.98
C ILE A 27 -2.95 12.92 11.36
N GLU A 28 -2.45 11.86 11.98
CA GLU A 28 -1.35 11.07 11.43
C GLU A 28 -1.89 10.13 10.36
N ALA A 29 -1.34 10.21 9.15
CA ALA A 29 -1.76 9.33 8.08
C ALA A 29 -0.59 8.55 7.48
N LEU A 30 -0.88 7.30 7.10
CA LEU A 30 0.03 6.48 6.29
C LEU A 30 0.17 6.99 4.84
N LEU A 31 1.41 7.06 4.36
CA LEU A 31 1.68 7.35 2.97
C LEU A 31 1.78 6.05 2.16
N ASP A 32 0.84 5.89 1.23
CA ASP A 32 0.59 4.58 0.67
C ASP A 32 0.43 4.60 -0.85
N THR A 33 1.47 4.16 -1.54
CA THR A 33 1.49 4.17 -3.00
C THR A 33 0.64 3.02 -3.54
N GLY A 34 0.34 2.04 -2.69
CA GLY A 34 -0.50 0.91 -3.08
C GLY A 34 -1.98 1.19 -3.01
N ALA A 35 -2.37 2.35 -2.45
CA ALA A 35 -3.77 2.78 -2.25
C ALA A 35 -4.28 3.61 -3.43
N ASP A 36 -5.29 3.13 -4.16
CA ASP A 36 -5.95 3.94 -5.24
C ASP A 36 -6.61 5.23 -4.67
N MET A 37 -7.23 5.12 -3.51
CA MET A 37 -8.03 6.23 -2.97
C MET A 37 -7.64 6.42 -1.51
N THR A 38 -7.62 7.67 -1.06
CA THR A 38 -7.37 8.05 0.34
C THR A 38 -8.50 7.54 1.29
N VAL A 39 -8.15 7.27 2.55
CA VAL A 39 -9.04 6.68 3.56
C VAL A 39 -8.97 7.62 4.76
N ILE A 40 -10.13 8.09 5.23
CA ILE A 40 -10.26 9.03 6.37
C ILE A 40 -11.05 8.31 7.45
N PRO A 41 -10.66 8.46 8.74
CA PRO A 41 -11.47 7.90 9.85
C PRO A 41 -12.85 8.53 10.02
N ILE A 42 -13.88 7.71 10.25
CA ILE A 42 -15.24 8.23 10.39
C ILE A 42 -15.38 9.29 11.48
N ALA A 43 -14.58 9.21 12.53
CA ALA A 43 -14.57 10.18 13.63
C ALA A 43 -14.42 11.63 13.16
N LEU A 44 -13.92 11.85 11.94
CA LEU A 44 -13.72 13.24 11.46
C LEU A 44 -14.98 13.86 10.85
N PHE A 45 -16.05 13.06 10.79
CA PHE A 45 -17.30 13.46 10.13
C PHE A 45 -18.33 13.60 11.22
N SER A 46 -19.35 14.43 10.97
CA SER A 46 -20.49 14.55 11.89
C SER A 46 -21.41 13.33 11.80
N SER A 47 -21.98 12.94 12.96
CA SER A 47 -22.85 11.75 13.08
C SER A 47 -23.94 11.60 12.01
N ASN A 48 -24.48 12.73 11.56
CA ASN A 48 -25.61 12.73 10.64
C ASN A 48 -25.28 12.58 9.14
N THR A 49 -24.12 13.10 8.70
CA THR A 49 -23.88 13.26 7.24
C THR A 49 -24.12 11.99 6.43
N PRO A 50 -24.70 12.15 5.22
CA PRO A 50 -24.88 10.98 4.38
C PRO A 50 -23.56 10.43 3.81
N LEU A 51 -23.38 9.12 3.89
CA LEU A 51 -22.26 8.44 3.24
C LEU A 51 -22.85 7.38 2.31
N LYS A 52 -22.07 6.95 1.33
CA LYS A 52 -22.51 5.94 0.37
C LYS A 52 -21.94 4.58 0.71
N ASN A 53 -22.77 3.55 0.53
CA ASN A 53 -22.31 2.16 0.63
C ASN A 53 -21.28 1.82 -0.41
N THR A 54 -20.32 0.98 -0.04
CA THR A 54 -19.25 0.60 -0.97
C THR A 54 -18.65 -0.77 -0.66
N SER A 55 -18.11 -1.42 -1.69
CA SER A 55 -17.39 -2.69 -1.52
C SER A 55 -15.91 -2.57 -1.86
N VAL A 56 -15.06 -3.08 -0.96
CA VAL A 56 -13.63 -2.85 -1.04
C VAL A 56 -12.86 -4.20 -0.96
N LEU A 57 -11.97 -4.42 -1.92
CA LEU A 57 -11.11 -5.58 -1.91
C LEU A 57 -9.71 -5.15 -1.49
N GLY A 58 -9.19 -5.80 -0.45
CA GLY A 58 -7.84 -5.55 0.08
C GLY A 58 -7.26 -6.85 0.57
N ALA A 59 -6.09 -6.80 1.23
CA ALA A 59 -5.36 -8.02 1.66
C ALA A 59 -6.17 -9.00 2.52
N GLY A 60 -7.01 -8.48 3.41
CA GLY A 60 -7.78 -9.43 4.25
C GLY A 60 -9.02 -10.11 3.65
N GLY A 61 -9.34 -9.82 2.39
CA GLY A 61 -10.59 -10.26 1.77
C GLY A 61 -11.40 -9.10 1.22
N GLN A 62 -12.69 -9.36 0.96
CA GLN A 62 -13.60 -8.38 0.37
C GLN A 62 -14.56 -7.93 1.46
N THR A 63 -14.76 -6.62 1.59
CA THR A 63 -15.70 -6.13 2.60
C THR A 63 -16.71 -5.16 2.03
N GLN A 64 -17.98 -5.42 2.35
CA GLN A 64 -19.12 -4.58 1.98
C GLN A 64 -19.43 -3.55 3.07
N ASP A 65 -18.80 -3.72 4.22
CA ASP A 65 -19.26 -3.15 5.50
C ASP A 65 -18.35 -2.11 6.11
N HIS A 66 -17.05 -2.33 5.96
CA HIS A 66 -16.02 -1.62 6.71
C HIS A 66 -15.81 -0.22 6.18
N PHE A 67 -15.86 -0.03 4.87
CA PHE A 67 -15.64 1.35 4.36
C PHE A 67 -16.94 1.91 3.78
N LYS A 68 -17.13 3.22 3.90
CA LYS A 68 -18.12 3.93 3.08
C LYS A 68 -17.42 4.90 2.12
N LEU A 69 -18.23 5.63 1.35
CA LEU A 69 -17.78 6.64 0.40
C LEU A 69 -18.40 7.97 0.84
N THR A 70 -17.63 9.05 0.74
CA THR A 70 -18.10 10.41 1.15
C THR A 70 -19.14 10.93 0.14
N SER A 71 -19.92 11.95 0.53
CA SER A 71 -20.84 12.67 -0.38
C SER A 71 -20.31 14.05 -0.77
N LEU A 72 -19.37 14.58 0.01
CA LEU A 72 -18.76 15.86 -0.30
C LEU A 72 -17.26 15.71 -0.58
N PRO A 73 -16.69 16.62 -1.40
CA PRO A 73 -15.23 16.65 -1.43
C PRO A 73 -14.57 16.81 -0.04
N VAL A 74 -13.31 16.37 0.04
CA VAL A 74 -12.52 16.47 1.25
C VAL A 74 -11.28 17.31 0.95
N LEU A 75 -10.93 18.19 1.89
CA LEU A 75 -9.81 19.10 1.64
C LEU A 75 -8.67 18.67 2.57
N ILE A 76 -7.44 18.57 2.05
CA ILE A 76 -6.27 18.10 2.86
C ILE A 76 -5.11 19.08 2.78
N ARG A 77 -4.63 19.53 3.93
CA ARG A 77 -3.47 20.40 3.97
C ARG A 77 -2.29 19.65 4.57
N LEU A 78 -1.21 19.61 3.80
CA LEU A 78 0.04 19.00 4.23
C LEU A 78 1.06 20.09 4.59
N PRO A 79 1.76 19.92 5.74
CA PRO A 79 2.58 20.94 6.41
C PRO A 79 3.44 21.84 5.50
N PHE A 80 4.10 21.24 4.52
CA PHE A 80 5.02 21.97 3.62
C PHE A 80 4.33 22.75 2.47
N ARG A 81 3.10 22.39 2.16
CA ARG A 81 2.43 22.94 1.00
C ARG A 81 1.27 23.87 1.36
N THR A 82 1.33 25.08 0.83
CA THR A 82 0.28 26.07 1.07
C THR A 82 -1.05 25.75 0.33
N THR A 83 -0.96 25.03 -0.78
CA THR A 83 -2.13 24.67 -1.60
C THR A 83 -2.79 23.39 -1.10
N PRO A 84 -4.10 23.44 -0.80
CA PRO A 84 -4.79 22.24 -0.31
C PRO A 84 -5.11 21.22 -1.41
N ILE A 85 -4.93 19.94 -1.08
CA ILE A 85 -5.36 18.81 -1.91
C ILE A 85 -6.91 18.77 -1.90
N VAL A 86 -7.54 18.59 -3.05
CA VAL A 86 -8.98 18.56 -3.11
C VAL A 86 -9.38 17.19 -3.66
N LEU A 87 -10.01 16.37 -2.83
CA LEU A 87 -10.44 15.01 -3.23
C LEU A 87 -11.95 14.98 -3.41
N THR A 88 -12.37 14.75 -4.64
CA THR A 88 -13.76 14.67 -5.07
C THR A 88 -14.53 13.64 -4.20
N SER A 89 -13.84 12.57 -3.86
CA SER A 89 -14.37 11.54 -2.98
CA SER A 89 -14.40 11.47 -3.07
C SER A 89 -13.24 10.68 -2.47
N CYS A 90 -13.44 10.15 -1.26
CA CYS A 90 -12.57 9.10 -0.78
C CYS A 90 -13.29 8.15 0.12
N LEU A 91 -12.52 7.27 0.74
CA LEU A 91 -13.08 6.19 1.53
C LEU A 91 -13.11 6.64 2.96
N VAL A 92 -13.99 6.01 3.73
CA VAL A 92 -14.23 6.37 5.11
C VAL A 92 -14.25 5.08 5.90
N ASP A 93 -13.32 4.99 6.83
CA ASP A 93 -13.19 3.83 7.68
C ASP A 93 -14.15 3.93 8.88
N THR A 94 -15.22 3.12 8.82
CA THR A 94 -16.23 3.05 9.89
C THR A 94 -15.79 2.27 11.12
N LYS A 95 -14.71 1.51 11.01
CA LYS A 95 -14.26 0.61 12.08
C LYS A 95 -12.89 0.93 12.71
N ASN A 96 -11.82 0.65 11.97
CA ASN A 96 -10.45 0.60 12.52
C ASN A 96 -9.70 1.93 12.63
N ASN A 97 -10.42 3.01 12.34
CA ASN A 97 -9.89 4.37 12.43
C ASN A 97 -8.57 4.60 11.65
N TRP A 98 -8.53 4.10 10.40
CA TRP A 98 -7.36 4.22 9.51
C TRP A 98 -7.31 5.54 8.77
N ALA A 99 -6.13 6.15 8.73
CA ALA A 99 -5.92 7.33 7.91
C ALA A 99 -4.78 7.03 6.98
N ILE A 100 -5.09 7.07 5.69
CA ILE A 100 -4.17 6.58 4.65
C ILE A 100 -4.16 7.54 3.46
N ILE A 101 -3.01 8.16 3.22
CA ILE A 101 -2.83 9.02 2.02
CA ILE A 101 -2.87 9.01 2.02
C ILE A 101 -2.53 8.13 0.80
N GLY A 102 -3.46 8.07 -0.16
CA GLY A 102 -3.36 7.24 -1.41
C GLY A 102 -2.87 8.07 -2.57
N ARG A 103 -2.84 7.47 -3.77
CA ARG A 103 -2.28 8.09 -4.98
C ARG A 103 -3.12 9.26 -5.52
N ASP A 104 -4.39 9.27 -5.20
CA ASP A 104 -5.25 10.44 -5.53
C ASP A 104 -4.72 11.77 -4.91
N ALA A 105 -4.29 11.68 -3.67
CA ALA A 105 -3.73 12.83 -2.96
C ALA A 105 -2.26 13.05 -3.33
N LEU A 106 -1.48 11.97 -3.43
CA LEU A 106 -0.06 12.05 -3.78
C LEU A 106 0.15 12.63 -5.16
N GLN A 107 -0.77 12.33 -6.07
CA GLN A 107 -0.73 12.96 -7.39
C GLN A 107 -0.80 14.50 -7.32
N GLN A 108 -1.71 15.03 -6.52
CA GLN A 108 -1.88 16.49 -6.42
C GLN A 108 -0.75 17.17 -5.64
N CYS A 109 -0.04 16.36 -4.85
CA CYS A 109 1.23 16.69 -4.21
C CYS A 109 2.43 16.78 -5.10
N GLN A 110 2.32 16.17 -6.28
CA GLN A 110 3.46 15.85 -7.15
C GLN A 110 4.45 14.89 -6.46
N GLY A 111 3.89 13.95 -5.70
CA GLY A 111 4.70 12.92 -5.04
C GLY A 111 5.15 11.88 -6.05
N VAL A 112 6.37 11.38 -5.85
CA VAL A 112 6.97 10.33 -6.69
C VAL A 112 7.61 9.23 -5.84
N LEU A 113 7.71 8.03 -6.41
CA LEU A 113 8.62 7.00 -5.91
C LEU A 113 9.97 7.11 -6.59
N TYR A 114 11.06 7.11 -5.82
CA TYR A 114 12.38 7.09 -6.43
C TYR A 114 13.26 5.90 -6.02
N LEU A 115 13.64 5.11 -7.02
CA LEU A 115 14.52 3.96 -6.83
C LEU A 115 15.76 4.16 -7.71
N PRO A 116 16.94 4.40 -7.09
CA PRO A 116 18.18 4.72 -7.80
C PRO A 116 18.68 3.65 -8.77
N PRO B 1 14.85 4.64 -11.46
CA PRO B 1 13.99 5.60 -12.15
C PRO B 1 13.00 6.32 -11.21
N VAL B 2 12.31 7.32 -11.77
CA VAL B 2 11.28 8.11 -11.06
C VAL B 2 9.89 7.60 -11.48
N ILE B 3 9.14 7.09 -10.52
CA ILE B 3 7.80 6.58 -10.80
C ILE B 3 6.73 7.63 -10.38
N PRO B 4 5.97 8.17 -11.35
CA PRO B 4 4.96 9.14 -11.00
C PRO B 4 3.74 8.46 -10.38
N LEU B 5 2.95 9.21 -9.61
CA LEU B 5 1.86 8.60 -8.85
C LEU B 5 0.48 9.10 -9.32
N ASP B 6 -0.37 8.14 -9.66
CA ASP B 6 -1.60 8.41 -10.39
C ASP B 6 -2.66 7.46 -9.85
N PRO B 7 -3.79 7.98 -9.33
CA PRO B 7 -4.81 7.04 -8.81
C PRO B 7 -5.38 6.09 -9.89
N ALA B 8 -5.30 6.51 -11.16
CA ALA B 8 -5.81 5.74 -12.32
C ALA B 8 -4.82 4.69 -12.85
N ARG B 9 -3.56 4.73 -12.38
CA ARG B 9 -2.50 3.79 -12.82
C ARG B 9 -1.67 3.28 -11.64
N ARG B 10 -1.85 1.99 -11.32
CA ARG B 10 -1.00 1.25 -10.38
C ARG B 10 0.48 1.31 -10.77
N PRO B 11 1.37 1.73 -9.82
CA PRO B 11 2.81 1.68 -10.09
C PRO B 11 3.28 0.23 -10.00
N VAL B 12 3.56 -0.36 -11.16
CA VAL B 12 3.95 -1.77 -11.23
C VAL B 12 5.36 -1.90 -11.79
N ILE B 13 6.00 -3.03 -11.50
CA ILE B 13 7.34 -3.28 -11.97
C ILE B 13 7.54 -4.77 -12.32
N LYS B 14 8.40 -5.03 -13.30
CA LYS B 14 8.74 -6.39 -13.68
C LYS B 14 9.86 -6.85 -12.77
N ALA B 15 9.71 -8.03 -12.20
CA ALA B 15 10.64 -8.49 -11.21
C ALA B 15 10.87 -9.97 -11.42
N GLN B 16 12.13 -10.34 -11.52
CA GLN B 16 12.50 -11.73 -11.56
C GLN B 16 12.68 -12.24 -10.15
N VAL B 17 11.85 -13.22 -9.80
CA VAL B 17 11.76 -13.74 -8.44
C VAL B 17 12.22 -15.19 -8.40
N ASP B 18 13.13 -15.44 -7.48
CA ASP B 18 13.64 -16.77 -7.23
C ASP B 18 13.31 -17.26 -5.82
N THR B 19 12.43 -18.26 -5.79
CA THR B 19 11.96 -18.89 -4.56
CA THR B 19 11.97 -18.89 -4.54
C THR B 19 12.97 -19.88 -3.95
N GLN B 20 13.94 -20.31 -4.78
CA GLN B 20 14.95 -21.33 -4.48
C GLN B 20 14.34 -22.75 -4.40
N THR B 21 13.12 -22.89 -4.93
CA THR B 21 12.41 -24.19 -4.98
C THR B 21 12.18 -24.62 -6.44
N SER B 22 12.34 -23.67 -7.39
CA SER B 22 12.44 -23.97 -8.83
C SER B 22 13.27 -22.87 -9.49
N HIS B 23 13.13 -22.69 -10.80
CA HIS B 23 13.89 -21.67 -11.56
C HIS B 23 13.28 -20.25 -11.40
N PRO B 24 14.10 -19.18 -11.60
CA PRO B 24 13.59 -17.81 -11.55
C PRO B 24 12.52 -17.50 -12.63
N LYS B 25 11.47 -16.82 -12.18
CA LYS B 25 10.30 -16.49 -12.98
C LYS B 25 10.02 -15.00 -12.93
N THR B 26 9.42 -14.47 -13.99
CA THR B 26 9.05 -13.07 -14.08
C THR B 26 7.58 -12.85 -13.66
N ILE B 27 7.38 -11.92 -12.72
CA ILE B 27 6.05 -11.42 -12.38
C ILE B 27 5.94 -9.89 -12.49
N GLU B 28 4.71 -9.40 -12.47
CA GLU B 28 4.39 -7.96 -12.48
CA GLU B 28 4.45 -7.94 -12.45
C GLU B 28 3.94 -7.56 -11.09
N ALA B 29 4.74 -6.80 -10.35
CA ALA B 29 4.37 -6.46 -8.96
C ALA B 29 4.04 -4.98 -8.74
N LEU B 30 3.14 -4.77 -7.77
CA LEU B 30 2.75 -3.45 -7.30
C LEU B 30 3.79 -2.93 -6.31
N LEU B 31 4.25 -1.70 -6.54
CA LEU B 31 5.21 -1.07 -5.63
C LEU B 31 4.43 -0.36 -4.51
N ASP B 32 4.59 -0.87 -3.30
CA ASP B 32 3.62 -0.56 -2.25
C ASP B 32 4.27 -0.08 -0.94
N THR B 33 4.31 1.25 -0.73
CA THR B 33 4.92 1.79 0.49
C THR B 33 4.08 1.54 1.78
N GLY B 34 2.80 1.16 1.62
CA GLY B 34 1.94 0.71 2.76
C GLY B 34 2.10 -0.77 3.15
N ALA B 35 2.96 -1.51 2.45
CA ALA B 35 3.21 -2.93 2.73
C ALA B 35 4.46 -3.12 3.62
N ASP B 36 4.26 -3.61 4.84
CA ASP B 36 5.36 -3.97 5.73
C ASP B 36 6.27 -5.01 5.09
N MET B 37 5.66 -5.98 4.41
CA MET B 37 6.38 -7.12 3.87
C MET B 37 5.97 -7.41 2.45
N THR B 38 6.90 -7.96 1.68
CA THR B 38 6.68 -8.34 0.28
C THR B 38 5.70 -9.52 0.16
N VAL B 39 4.89 -9.52 -0.91
CA VAL B 39 3.91 -10.60 -1.20
C VAL B 39 4.17 -11.21 -2.58
N ILE B 40 4.36 -12.53 -2.67
CA ILE B 40 4.55 -13.17 -3.97
C ILE B 40 3.47 -14.27 -4.18
N PRO B 41 3.15 -14.63 -5.45
CA PRO B 41 2.14 -15.70 -5.73
C PRO B 41 2.59 -17.12 -5.39
N ILE B 42 1.68 -17.93 -4.85
CA ILE B 42 1.91 -19.37 -4.63
C ILE B 42 2.25 -20.14 -5.92
N ALA B 43 1.70 -19.66 -7.05
CA ALA B 43 1.96 -20.14 -8.41
C ALA B 43 3.44 -20.29 -8.76
N LEU B 44 4.31 -19.58 -8.03
CA LEU B 44 5.78 -19.72 -8.20
C LEU B 44 6.36 -21.02 -7.61
N PHE B 45 5.67 -21.62 -6.66
CA PHE B 45 6.11 -22.85 -5.97
C PHE B 45 5.40 -24.06 -6.57
N SER B 46 6.05 -25.22 -6.53
CA SER B 46 5.37 -26.48 -6.87
C SER B 46 4.47 -26.92 -5.72
N SER B 47 3.46 -27.72 -6.02
CA SER B 47 2.44 -28.15 -5.04
C SER B 47 2.95 -28.44 -3.62
N ASN B 48 4.08 -29.16 -3.53
CA ASN B 48 4.60 -29.58 -2.23
C ASN B 48 5.85 -28.82 -1.77
N THR B 49 5.62 -27.71 -1.08
CA THR B 49 6.69 -26.86 -0.53
C THR B 49 6.36 -26.57 0.94
N PRO B 50 7.34 -26.70 1.85
CA PRO B 50 7.05 -26.34 3.25
C PRO B 50 6.99 -24.82 3.49
N LEU B 51 5.78 -24.35 3.76
CA LEU B 51 5.57 -22.94 4.07
C LEU B 51 5.05 -22.85 5.50
N LYS B 52 5.25 -21.72 6.17
CA LYS B 52 4.67 -21.54 7.50
C LYS B 52 3.30 -20.85 7.41
N ASN B 53 2.41 -21.24 8.32
CA ASN B 53 1.16 -20.52 8.57
C ASN B 53 1.44 -19.18 9.21
N THR B 54 0.59 -18.20 8.91
CA THR B 54 0.80 -16.85 9.44
C THR B 54 -0.52 -16.07 9.45
N SER B 55 -0.59 -15.02 10.27
CA SER B 55 -1.78 -14.19 10.37
C SER B 55 -1.44 -12.82 9.78
N VAL B 56 -2.30 -12.30 8.90
CA VAL B 56 -2.03 -11.06 8.17
C VAL B 56 -3.21 -10.07 8.27
N LEU B 57 -2.92 -8.84 8.73
CA LEU B 57 -3.94 -7.77 8.71
C LEU B 57 -3.87 -6.86 7.46
N GLY B 58 -4.97 -6.86 6.69
CA GLY B 58 -5.13 -6.00 5.52
C GLY B 58 -6.40 -5.15 5.60
N ALA B 59 -6.71 -4.44 4.51
CA ALA B 59 -7.94 -3.64 4.41
C ALA B 59 -9.20 -4.49 4.31
N GLY B 60 -9.06 -5.68 3.74
CA GLY B 60 -10.18 -6.63 3.65
C GLY B 60 -10.49 -7.41 4.92
N GLY B 61 -9.61 -7.32 5.92
CA GLY B 61 -9.82 -8.00 7.21
C GLY B 61 -8.52 -8.60 7.72
N GLN B 62 -8.59 -9.28 8.87
CA GLN B 62 -7.51 -10.13 9.37
C GLN B 62 -7.69 -11.53 8.78
N THR B 63 -6.63 -12.06 8.17
CA THR B 63 -6.69 -13.44 7.68
C THR B 63 -5.58 -14.36 8.22
N GLN B 64 -5.97 -15.51 8.75
CA GLN B 64 -5.00 -16.51 9.24
C GLN B 64 -4.69 -17.57 8.19
N ASP B 65 -5.29 -17.44 7.00
CA ASP B 65 -5.07 -18.48 5.97
C ASP B 65 -4.85 -18.10 4.49
N HIS B 66 -5.15 -16.86 4.07
CA HIS B 66 -4.81 -16.48 2.67
C HIS B 66 -3.29 -16.51 2.41
N PHE B 67 -2.51 -16.15 3.43
CA PHE B 67 -1.07 -15.98 3.27
C PHE B 67 -0.25 -16.95 4.10
N LYS B 68 0.82 -17.45 3.49
CA LYS B 68 1.82 -18.24 4.19
C LYS B 68 3.15 -17.45 4.25
N LEU B 69 4.09 -17.96 5.03
CA LEU B 69 5.44 -17.42 5.09
C LEU B 69 6.37 -18.43 4.42
N THR B 70 7.32 -17.95 3.60
CA THR B 70 8.39 -18.76 3.00
C THR B 70 9.34 -19.36 4.06
N SER B 71 9.88 -20.56 3.81
CA SER B 71 10.90 -21.17 4.72
C SER B 71 12.34 -20.77 4.39
N LEU B 72 12.58 -20.39 3.13
CA LEU B 72 13.89 -20.02 2.63
C LEU B 72 13.89 -18.57 2.11
N PRO B 73 15.06 -17.90 2.14
CA PRO B 73 15.06 -16.57 1.51
C PRO B 73 14.59 -16.53 0.06
N VAL B 74 14.06 -15.38 -0.32
CA VAL B 74 13.58 -15.14 -1.67
C VAL B 74 14.55 -14.18 -2.31
N LEU B 75 14.98 -14.47 -3.54
CA LEU B 75 15.91 -13.57 -4.23
C LEU B 75 15.13 -12.80 -5.29
N ILE B 76 15.28 -11.47 -5.35
CA ILE B 76 14.52 -10.66 -6.28
C ILE B 76 15.41 -9.75 -7.12
N ARG B 77 15.31 -9.89 -8.45
CA ARG B 77 16.05 -9.03 -9.39
CA ARG B 77 16.06 -9.02 -9.37
C ARG B 77 15.10 -8.05 -10.04
N LEU B 78 15.50 -6.77 -10.06
CA LEU B 78 14.74 -5.70 -10.68
C LEU B 78 15.50 -5.28 -11.94
N PRO B 79 14.80 -4.64 -12.89
CA PRO B 79 15.49 -4.39 -14.18
C PRO B 79 16.68 -3.42 -14.08
N PHE B 80 16.55 -2.39 -13.24
CA PHE B 80 17.54 -1.31 -13.14
C PHE B 80 18.68 -1.55 -12.15
N ARG B 81 18.79 -2.77 -11.62
CA ARG B 81 19.85 -3.10 -10.66
C ARG B 81 20.46 -4.48 -10.91
N THR B 82 21.77 -4.58 -10.68
CA THR B 82 22.50 -5.84 -10.86
C THR B 82 22.45 -6.77 -9.65
N THR B 83 22.63 -6.21 -8.46
CA THR B 83 22.59 -6.98 -7.22
C THR B 83 21.16 -7.42 -6.87
N PRO B 84 20.96 -8.72 -6.61
CA PRO B 84 19.65 -9.17 -6.10
C PRO B 84 19.31 -8.65 -4.70
N ILE B 85 18.03 -8.37 -4.50
CA ILE B 85 17.44 -8.15 -3.19
C ILE B 85 17.26 -9.57 -2.59
N VAL B 86 17.76 -9.81 -1.37
CA VAL B 86 17.53 -11.11 -0.70
C VAL B 86 16.64 -10.86 0.53
N LEU B 87 15.42 -11.37 0.50
CA LEU B 87 14.52 -11.21 1.64
C LEU B 87 14.62 -12.45 2.48
N THR B 88 14.89 -12.29 3.78
CA THR B 88 15.03 -13.46 4.67
C THR B 88 13.77 -14.31 4.67
N SER B 89 12.60 -13.65 4.73
CA SER B 89 11.30 -14.29 4.51
C SER B 89 10.37 -13.30 3.85
N CYS B 90 9.31 -13.81 3.23
CA CYS B 90 8.23 -12.96 2.76
C CYS B 90 6.85 -13.65 2.67
N LEU B 91 5.82 -12.88 2.33
CA LEU B 91 4.47 -13.41 2.31
C LEU B 91 4.18 -14.12 1.01
N VAL B 92 3.42 -15.22 1.11
CA VAL B 92 2.98 -16.00 -0.05
C VAL B 92 1.48 -15.97 -0.13
N ASP B 93 0.98 -15.40 -1.23
CA ASP B 93 -0.46 -15.32 -1.47
C ASP B 93 -1.01 -16.61 -2.09
N THR B 94 -1.64 -17.44 -1.26
CA THR B 94 -2.26 -18.67 -1.75
C THR B 94 -3.64 -18.47 -2.39
N LYS B 95 -4.26 -17.31 -2.16
CA LYS B 95 -5.66 -17.12 -2.53
C LYS B 95 -5.86 -16.46 -3.91
N ASN B 96 -5.17 -15.34 -4.12
CA ASN B 96 -5.35 -14.53 -5.31
C ASN B 96 -4.06 -14.37 -6.10
N ASN B 97 -3.00 -15.01 -5.63
CA ASN B 97 -1.72 -14.95 -6.31
C ASN B 97 -1.28 -13.50 -6.65
N TRP B 98 -1.45 -12.60 -5.70
CA TRP B 98 -0.98 -11.21 -5.83
C TRP B 98 0.52 -11.09 -5.75
N ALA B 99 1.03 -9.97 -6.25
CA ALA B 99 2.46 -9.72 -6.28
C ALA B 99 2.68 -8.29 -5.86
N ILE B 100 3.35 -8.11 -4.73
CA ILE B 100 3.47 -6.79 -4.07
C ILE B 100 4.87 -6.59 -3.50
N ILE B 101 5.61 -5.63 -4.06
CA ILE B 101 6.92 -5.23 -3.53
C ILE B 101 6.67 -4.25 -2.37
N GLY B 102 7.12 -4.64 -1.18
CA GLY B 102 6.97 -3.84 0.02
C GLY B 102 8.27 -3.19 0.50
N ARG B 103 8.20 -2.64 1.70
CA ARG B 103 9.24 -1.74 2.19
C ARG B 103 10.52 -2.48 2.52
N ASP B 104 10.38 -3.78 2.79
CA ASP B 104 11.56 -4.64 3.03
C ASP B 104 12.43 -4.66 1.79
N ALA B 105 11.83 -4.93 0.62
CA ALA B 105 12.53 -4.90 -0.66
C ALA B 105 12.98 -3.47 -1.03
N LEU B 106 12.10 -2.50 -0.82
CA LEU B 106 12.37 -1.10 -1.17
C LEU B 106 13.53 -0.51 -0.35
N GLN B 107 13.64 -0.90 0.92
CA GLN B 107 14.83 -0.55 1.74
C GLN B 107 16.16 -1.04 1.14
N GLN B 108 16.22 -2.31 0.70
CA GLN B 108 17.43 -2.84 0.06
C GLN B 108 17.76 -2.17 -1.29
N CYS B 109 16.76 -1.51 -1.87
CA CYS B 109 16.89 -0.72 -3.11
C CYS B 109 17.31 0.69 -2.91
N GLN B 110 17.33 1.13 -1.65
CA GLN B 110 17.40 2.56 -1.30
C GLN B 110 16.24 3.36 -1.92
N GLY B 111 15.05 2.73 -2.02
CA GLY B 111 13.86 3.41 -2.51
C GLY B 111 13.41 4.49 -1.53
N VAL B 112 12.97 5.62 -2.08
CA VAL B 112 12.39 6.71 -1.27
C VAL B 112 11.06 7.24 -1.84
N LEU B 113 10.25 7.83 -0.96
CA LEU B 113 9.17 8.72 -1.36
C LEU B 113 9.68 10.14 -1.31
N TYR B 114 9.39 10.88 -2.37
CA TYR B 114 9.77 12.28 -2.41
C TYR B 114 8.54 13.13 -2.66
N LEU B 115 8.25 14.02 -1.72
CA LEU B 115 7.19 15.02 -1.83
C LEU B 115 7.83 16.40 -1.85
N PRO B 116 7.72 17.13 -2.98
CA PRO B 116 8.37 18.44 -3.17
C PRO B 116 8.02 19.47 -2.09
#